data_6CXD
#
_entry.id   6CXD
#
_cell.length_a   101.558
_cell.length_b   101.558
_cell.length_c   240.475
_cell.angle_alpha   90.00
_cell.angle_beta   90.00
_cell.angle_gamma   120.00
#
_symmetry.space_group_name_H-M   'H 3 2'
#
loop_
_entity.id
_entity.type
_entity.pdbx_description
1 polymer 'Peptidase B'
2 non-polymer 'SULFATE ION'
3 water water
#
_entity_poly.entity_id   1
_entity_poly.type   'polypeptide(L)'
_entity_poly.pdbx_seq_one_letter_code
;MHHHHHHSSGVDLGTENLYFQSNAMTTEIMQISLSHNPADARWGEKALISTNDQGVTIHLTSHDQLGGIQRAARKIDGQG
IKQVKLAGEGWGLEQSWAFWQGFRGPKGQRSVVWAELPANEKTELEQRLKIIDWVRDTINAPAEDLGPEQLAKNAIDLLC
AVSCDAVSYRITKGEDLREQNYAGIYTVGRGSDRAPVLLALDYNPTGNPDAPVMACLVGKGITFDSGGYSLKQSAFMDSM
KSDMGGAATLTGALALAAARGLKERVKLYLCCADNMVSGNAFKLGDIIRYRNGKTVEIMNTDAEGRLVLADGLIDASEQN
APLIIDAATLTGAAKTALGNDYHALFSFDDELAQALLNSAHSEHELFWRLPLAEFHRSQLPSNFAELNNVAGGAYSAGAS
TAAAFLSHFVKNYQQGWLHIDCSATYRKSAVDQWSAGATGLGVRTVANLLLAQAKQ
;
_entity_poly.pdbx_strand_id   A
#
# COMPACT_ATOMS: atom_id res chain seq x y z
N THR A 26 13.50 34.07 12.15
CA THR A 26 12.73 34.88 13.15
C THR A 26 11.22 34.76 12.91
N THR A 27 10.75 33.52 12.79
CA THR A 27 9.35 33.18 12.51
C THR A 27 8.74 34.09 11.39
N GLU A 28 7.53 34.64 11.54
CA GLU A 28 6.81 35.35 10.44
C GLU A 28 6.54 34.41 9.25
N ILE A 29 5.91 33.29 9.54
CA ILE A 29 5.68 32.23 8.58
C ILE A 29 4.68 32.60 7.48
N MET A 30 4.82 31.95 6.33
CA MET A 30 3.88 32.08 5.21
C MET A 30 2.50 31.59 5.58
N GLN A 31 1.52 32.48 5.43
CA GLN A 31 0.14 32.13 5.67
C GLN A 31 -0.52 31.70 4.36
N ILE A 32 -1.26 30.59 4.41
CA ILE A 32 -1.93 30.02 3.24
C ILE A 32 -3.43 30.00 3.50
N SER A 33 -4.21 30.62 2.62
CA SER A 33 -5.66 30.75 2.84
C SER A 33 -6.48 30.35 1.62
N LEU A 34 -7.75 30.06 1.88
CA LEU A 34 -8.67 29.53 0.86
C LEU A 34 -9.68 30.60 0.46
N SER A 35 -9.79 30.85 -0.85
CA SER A 35 -10.78 31.76 -1.38
C SER A 35 -11.55 31.05 -2.48
N HIS A 36 -12.80 31.45 -2.67
CA HIS A 36 -13.65 30.90 -3.73
C HIS A 36 -13.85 31.90 -4.89
N ASN A 37 -13.29 33.09 -4.75
CA ASN A 37 -13.26 34.05 -5.85
C ASN A 37 -11.95 33.83 -6.59
N PRO A 38 -11.98 33.86 -7.93
CA PRO A 38 -10.76 33.59 -8.70
C PRO A 38 -9.81 34.78 -8.69
N ALA A 39 -8.55 34.55 -9.01
CA ALA A 39 -7.50 35.57 -8.90
C ALA A 39 -7.62 36.67 -9.95
N ASP A 40 -6.93 37.79 -9.69
CA ASP A 40 -6.79 38.91 -10.63
C ASP A 40 -6.29 38.43 -11.99
N ALA A 41 -6.59 39.21 -13.03
CA ALA A 41 -6.09 38.94 -14.37
C ALA A 41 -4.57 39.00 -14.42
N ARG A 42 -3.97 39.83 -13.55
CA ARG A 42 -2.52 39.98 -13.51
C ARG A 42 -1.76 38.65 -13.32
N TRP A 43 -2.40 37.67 -12.68
CA TRP A 43 -1.77 36.35 -12.49
C TRP A 43 -1.95 35.39 -13.67
N GLY A 44 -2.74 35.78 -14.66
CA GLY A 44 -3.03 34.93 -15.82
C GLY A 44 -4.39 34.28 -15.65
N GLU A 45 -4.71 33.38 -16.58
CA GLU A 45 -6.01 32.72 -16.61
C GLU A 45 -6.10 31.56 -15.62
N LYS A 46 -7.27 31.41 -15.00
CA LYS A 46 -7.56 30.32 -14.05
C LYS A 46 -6.40 30.07 -13.07
N ALA A 47 -5.77 31.16 -12.60
CA ALA A 47 -4.64 31.05 -11.71
C ALA A 47 -5.10 30.40 -10.40
N LEU A 48 -4.41 29.33 -10.03
CA LEU A 48 -4.75 28.53 -8.87
C LEU A 48 -4.32 29.24 -7.58
N ILE A 49 -3.09 29.75 -7.57
CA ILE A 49 -2.56 30.49 -6.42
C ILE A 49 -2.20 31.92 -6.79
N SER A 50 -2.29 32.81 -5.79
CA SER A 50 -1.81 34.18 -5.91
C SER A 50 -1.14 34.52 -4.59
N THR A 51 -0.30 35.55 -4.59
CA THR A 51 0.49 35.91 -3.41
C THR A 51 0.59 37.41 -3.25
N ASN A 52 0.24 37.89 -2.07
CA ASN A 52 0.32 39.32 -1.74
C ASN A 52 0.88 39.48 -0.31
N ASP A 53 0.57 40.58 0.37
CA ASP A 53 1.06 40.79 1.74
C ASP A 53 0.37 39.89 2.76
N GLN A 54 -0.84 39.41 2.44
CA GLN A 54 -1.58 38.57 3.38
C GLN A 54 -1.01 37.14 3.34
N GLY A 55 -0.31 36.81 2.25
CA GLY A 55 0.29 35.49 2.06
C GLY A 55 -0.17 34.92 0.74
N VAL A 56 -0.17 33.60 0.62
CA VAL A 56 -0.65 32.93 -0.57
C VAL A 56 -2.14 32.59 -0.41
N THR A 57 -2.93 32.93 -1.42
CA THR A 57 -4.33 32.54 -1.49
C THR A 57 -4.46 31.40 -2.49
N ILE A 58 -5.34 30.45 -2.17
CA ILE A 58 -5.62 29.32 -3.05
C ILE A 58 -7.03 29.51 -3.60
N HIS A 59 -7.14 29.52 -4.92
CA HIS A 59 -8.39 29.88 -5.57
C HIS A 59 -9.13 28.62 -6.03
N LEU A 60 -10.33 28.43 -5.49
CA LEU A 60 -11.13 27.23 -5.70
C LEU A 60 -12.39 27.51 -6.52
N THR A 61 -12.84 26.49 -7.25
CA THR A 61 -14.14 26.49 -7.90
C THR A 61 -14.99 25.44 -7.17
N SER A 62 -16.11 25.02 -7.74
CA SER A 62 -16.94 23.98 -7.10
C SER A 62 -16.45 22.58 -7.41
N HIS A 63 -15.74 22.41 -8.52
CA HIS A 63 -15.31 21.09 -8.99
C HIS A 63 -13.92 20.71 -8.45
N ASP A 64 -13.87 19.68 -7.60
CA ASP A 64 -12.63 19.09 -7.09
C ASP A 64 -11.73 20.07 -6.31
N GLN A 65 -12.23 20.52 -5.16
CA GLN A 65 -11.49 21.46 -4.34
C GLN A 65 -10.26 20.83 -3.70
N LEU A 66 -10.42 19.60 -3.23
CA LEU A 66 -9.34 18.85 -2.57
C LEU A 66 -8.19 18.55 -3.53
N GLY A 67 -8.51 18.33 -4.81
CA GLY A 67 -7.49 18.18 -5.85
C GLY A 67 -6.75 19.49 -6.12
N GLY A 68 -7.51 20.58 -6.19
CA GLY A 68 -6.98 21.92 -6.39
C GLY A 68 -6.09 22.37 -5.24
N ILE A 69 -6.52 22.07 -4.01
CA ILE A 69 -5.74 22.40 -2.81
C ILE A 69 -4.41 21.65 -2.80
N GLN A 70 -4.44 20.37 -3.15
CA GLN A 70 -3.23 19.53 -3.19
C GLN A 70 -2.26 20.05 -4.26
N ARG A 71 -2.75 20.33 -5.46
CA ARG A 71 -1.89 20.90 -6.50
C ARG A 71 -1.26 22.23 -6.05
N ALA A 72 -2.03 23.03 -5.32
CA ALA A 72 -1.54 24.32 -4.80
C ALA A 72 -0.44 24.13 -3.78
N ALA A 73 -0.53 23.07 -2.98
CA ALA A 73 0.49 22.74 -1.99
C ALA A 73 1.77 22.25 -2.68
N ARG A 74 1.61 21.63 -3.84
CA ARG A 74 2.76 21.23 -4.66
C ARG A 74 3.49 22.45 -5.24
N LYS A 75 2.73 23.38 -5.81
CA LYS A 75 3.33 24.60 -6.38
C LYS A 75 4.05 25.40 -5.31
N ILE A 76 3.42 25.58 -4.15
CA ILE A 76 3.98 26.36 -3.04
C ILE A 76 5.30 25.76 -2.58
N ASP A 77 5.31 24.45 -2.39
CA ASP A 77 6.53 23.68 -2.18
C ASP A 77 7.50 23.94 -3.34
N GLY A 78 6.98 23.86 -4.56
CA GLY A 78 7.75 24.12 -5.77
C GLY A 78 8.50 25.44 -5.80
N GLN A 79 7.90 26.48 -5.26
CA GLN A 79 8.54 27.79 -5.16
C GLN A 79 9.61 27.85 -4.04
N GLY A 80 9.85 26.74 -3.36
CA GLY A 80 10.91 26.66 -2.34
C GLY A 80 10.50 27.09 -0.93
N ILE A 81 9.19 27.22 -0.69
CA ILE A 81 8.69 27.55 0.65
C ILE A 81 8.63 26.27 1.47
N LYS A 82 9.11 26.32 2.71
CA LYS A 82 9.22 25.12 3.55
C LYS A 82 8.39 25.14 4.85
N GLN A 83 7.96 26.32 5.29
CA GLN A 83 7.14 26.44 6.50
C GLN A 83 5.92 27.29 6.18
N VAL A 84 4.73 26.78 6.49
CA VAL A 84 3.50 27.50 6.24
C VAL A 84 2.54 27.42 7.41
N LYS A 85 1.64 28.40 7.47
CA LYS A 85 0.58 28.41 8.47
C LYS A 85 -0.73 28.38 7.70
N LEU A 86 -1.58 27.40 7.98
CA LEU A 86 -2.91 27.37 7.39
C LEU A 86 -3.74 28.41 8.14
N ALA A 87 -4.32 29.35 7.40
CA ALA A 87 -4.98 30.50 7.99
C ALA A 87 -6.37 30.76 7.43
N GLY A 88 -7.20 31.43 8.23
CA GLY A 88 -8.55 31.78 7.83
C GLY A 88 -9.47 30.57 7.79
N GLU A 89 -10.68 30.76 7.29
CA GLU A 89 -11.71 29.70 7.33
C GLU A 89 -11.66 28.76 6.12
N GLY A 90 -12.17 27.55 6.32
CA GLY A 90 -12.27 26.55 5.24
C GLY A 90 -11.39 25.32 5.45
N TRP A 91 -10.50 25.40 6.44
CA TRP A 91 -9.49 24.37 6.70
C TRP A 91 -10.01 23.22 7.57
N GLY A 92 -10.96 22.45 7.05
CA GLY A 92 -11.44 21.25 7.71
C GLY A 92 -10.37 20.16 7.67
N LEU A 93 -10.68 19.01 8.25
CA LEU A 93 -9.74 17.88 8.28
C LEU A 93 -9.22 17.49 6.89
N GLU A 94 -10.15 17.39 5.93
CA GLU A 94 -9.82 16.91 4.60
C GLU A 94 -9.04 17.96 3.80
N GLN A 95 -9.40 19.22 3.91
CA GLN A 95 -8.63 20.28 3.24
C GLN A 95 -7.20 20.31 3.75
N SER A 96 -7.06 20.17 5.07
CA SER A 96 -5.77 20.16 5.74
C SER A 96 -4.90 18.97 5.32
N TRP A 97 -5.51 17.79 5.31
CA TRP A 97 -4.81 16.58 4.87
C TRP A 97 -4.42 16.68 3.40
N ALA A 98 -5.36 17.10 2.57
CA ALA A 98 -5.11 17.33 1.14
C ALA A 98 -3.86 18.17 0.94
N PHE A 99 -3.78 19.28 1.67
CA PHE A 99 -2.64 20.16 1.60
C PHE A 99 -1.37 19.40 1.96
N TRP A 100 -1.34 18.76 3.13
CA TRP A 100 -0.11 18.10 3.59
C TRP A 100 0.41 17.05 2.60
N GLN A 101 -0.50 16.21 2.09
CA GLN A 101 -0.15 15.20 1.10
C GLN A 101 0.67 15.80 -0.05
N GLY A 102 0.25 16.96 -0.56
CA GLY A 102 0.95 17.64 -1.64
C GLY A 102 2.16 18.46 -1.21
N PHE A 103 2.13 19.01 -0.01
CA PHE A 103 3.20 19.87 0.48
C PHE A 103 4.46 19.08 0.83
N ARG A 104 4.26 17.90 1.42
CA ARG A 104 5.35 17.05 1.90
C ARG A 104 6.28 16.56 0.78
N GLY A 105 7.53 16.30 1.16
CA GLY A 105 8.54 15.78 0.23
C GLY A 105 9.39 14.72 0.91
N PRO A 106 10.05 13.86 0.13
CA PRO A 106 10.79 12.72 0.67
C PRO A 106 11.87 13.15 1.66
N LYS A 107 12.44 14.34 1.47
CA LYS A 107 13.50 14.81 2.34
C LYS A 107 13.00 15.24 3.74
N GLY A 108 11.70 15.51 3.84
CA GLY A 108 11.06 15.76 5.14
C GLY A 108 11.58 16.99 5.86
N GLN A 109 11.65 18.11 5.14
CA GLN A 109 12.10 19.38 5.70
C GLN A 109 10.90 20.31 5.98
N ARG A 110 9.72 19.93 5.47
CA ARG A 110 8.56 20.81 5.43
C ARG A 110 7.80 20.76 6.76
N SER A 111 7.41 21.92 7.28
CA SER A 111 6.55 21.98 8.47
C SER A 111 5.27 22.76 8.18
N VAL A 112 4.24 22.49 8.97
CA VAL A 112 2.93 23.13 8.82
C VAL A 112 2.34 23.44 10.19
N VAL A 113 2.03 24.71 10.44
CA VAL A 113 1.25 25.08 11.61
C VAL A 113 -0.22 24.90 11.27
N TRP A 114 -0.87 23.93 11.91
CA TRP A 114 -2.22 23.53 11.51
C TRP A 114 -3.22 24.58 11.95
N ALA A 115 -4.43 24.46 11.44
CA ALA A 115 -5.54 25.27 11.91
C ALA A 115 -6.25 24.54 13.05
N GLU A 116 -6.98 25.32 13.84
CA GLU A 116 -7.80 24.80 14.93
C GLU A 116 -8.77 23.76 14.38
N LEU A 117 -8.87 22.61 15.05
CA LEU A 117 -9.81 21.55 14.68
C LEU A 117 -10.55 20.99 15.89
N PRO A 118 -11.73 20.38 15.68
CA PRO A 118 -12.38 19.68 16.79
C PRO A 118 -11.50 18.54 17.34
N ALA A 119 -11.79 18.08 18.55
CA ALA A 119 -10.94 17.08 19.21
C ALA A 119 -10.81 15.82 18.38
N ASN A 120 -11.95 15.32 17.89
CA ASN A 120 -11.99 14.14 17.01
C ASN A 120 -11.01 14.24 15.84
N GLU A 121 -11.06 15.36 15.13
CA GLU A 121 -10.36 15.50 13.87
C GLU A 121 -8.86 15.71 14.07
N LYS A 122 -8.47 16.39 15.15
CA LYS A 122 -7.05 16.61 15.44
C LYS A 122 -6.33 15.29 15.75
N THR A 123 -7.05 14.36 16.39
CA THR A 123 -6.49 13.04 16.65
C THR A 123 -6.41 12.25 15.36
N GLU A 124 -7.46 12.32 14.54
CA GLU A 124 -7.42 11.70 13.21
C GLU A 124 -6.24 12.28 12.39
N LEU A 125 -6.05 13.59 12.42
CA LEU A 125 -4.95 14.19 11.68
C LEU A 125 -3.61 13.67 12.20
N GLU A 126 -3.44 13.69 13.51
CA GLU A 126 -2.18 13.29 14.14
C GLU A 126 -1.84 11.83 13.90
N GLN A 127 -2.85 10.97 13.86
CA GLN A 127 -2.60 9.55 13.63
C GLN A 127 -2.43 9.23 12.13
N ARG A 128 -3.13 9.96 11.26
CA ARG A 128 -2.82 9.89 9.81
C ARG A 128 -1.36 10.26 9.57
N LEU A 129 -0.96 11.43 10.08
CA LEU A 129 0.42 11.90 9.94
C LEU A 129 1.45 10.87 10.35
N LYS A 130 1.30 10.33 11.55
CA LYS A 130 2.25 9.36 12.08
C LYS A 130 2.30 8.09 11.24
N ILE A 131 1.12 7.55 10.90
CA ILE A 131 1.00 6.25 10.27
C ILE A 131 1.22 6.27 8.75
N ILE A 132 0.69 7.29 8.10
CA ILE A 132 0.83 7.40 6.65
C ILE A 132 2.22 7.91 6.26
N ASP A 133 2.80 8.82 7.04
CA ASP A 133 4.19 9.24 6.78
C ASP A 133 5.18 8.09 7.10
N TRP A 134 4.81 7.21 8.03
CA TRP A 134 5.57 5.99 8.24
C TRP A 134 5.61 5.18 6.94
N VAL A 135 4.46 4.98 6.33
CA VAL A 135 4.38 4.22 5.08
C VAL A 135 5.25 4.85 4.00
N ARG A 136 5.24 6.19 3.88
CA ARG A 136 6.01 6.88 2.85
C ARG A 136 7.51 6.73 3.06
N ASP A 137 7.95 6.91 4.29
CA ASP A 137 9.37 6.78 4.64
C ASP A 137 9.91 5.38 4.41
N THR A 138 9.10 4.39 4.78
CA THR A 138 9.47 2.99 4.66
C THR A 138 9.65 2.63 3.18
N ILE A 139 8.71 3.07 2.35
CA ILE A 139 8.78 2.80 0.92
C ILE A 139 9.87 3.64 0.24
N ASN A 140 10.10 4.85 0.75
CA ASN A 140 11.16 5.74 0.22
C ASN A 140 12.56 5.33 0.65
N ALA A 141 12.68 4.56 1.73
CA ALA A 141 13.99 4.16 2.25
C ALA A 141 14.78 3.37 1.22
N PRO A 142 16.10 3.59 1.15
CA PRO A 142 16.93 2.75 0.28
C PRO A 142 16.87 1.27 0.65
N ALA A 143 16.96 0.39 -0.33
CA ALA A 143 16.95 -1.06 -0.07
C ALA A 143 18.11 -1.56 0.81
N GLU A 144 19.24 -0.85 0.84
CA GLU A 144 20.35 -1.22 1.73
C GLU A 144 19.93 -1.07 3.20
N ASP A 145 19.16 -0.02 3.49
CA ASP A 145 18.72 0.26 4.85
C ASP A 145 17.42 -0.46 5.22
N LEU A 146 16.90 -1.33 4.36
CA LEU A 146 15.65 -2.03 4.66
C LEU A 146 15.60 -3.47 4.13
N GLY A 147 16.18 -4.38 4.90
CA GLY A 147 16.17 -5.80 4.56
C GLY A 147 14.86 -6.44 5.00
N PRO A 148 14.66 -7.73 4.67
CA PRO A 148 13.47 -8.46 5.06
C PRO A 148 13.14 -8.38 6.56
N GLU A 149 14.08 -8.80 7.41
CA GLU A 149 13.83 -8.82 8.86
C GLU A 149 13.63 -7.41 9.40
N GLN A 150 14.34 -6.44 8.83
CA GLN A 150 14.19 -5.06 9.24
C GLN A 150 12.77 -4.58 8.98
N LEU A 151 12.27 -4.87 7.78
CA LEU A 151 10.89 -4.50 7.40
C LEU A 151 9.86 -5.10 8.38
N ALA A 152 10.05 -6.37 8.74
CA ALA A 152 9.21 -7.02 9.73
C ALA A 152 9.31 -6.28 11.06
N LYS A 153 10.54 -5.99 11.48
CA LYS A 153 10.77 -5.28 12.73
C LYS A 153 10.10 -3.91 12.77
N ASN A 154 10.17 -3.18 11.66
CA ASN A 154 9.57 -1.85 11.61
C ASN A 154 8.04 -1.92 11.67
N ALA A 155 7.46 -2.94 11.04
CA ALA A 155 6.01 -3.16 11.05
C ALA A 155 5.47 -3.46 12.44
N ILE A 156 6.17 -4.34 13.15
CA ILE A 156 5.88 -4.65 14.55
C ILE A 156 5.95 -3.38 15.39
N ASP A 157 7.08 -2.69 15.30
CA ASP A 157 7.30 -1.41 15.97
C ASP A 157 6.17 -0.43 15.74
N LEU A 158 5.65 -0.38 14.51
CA LEU A 158 4.56 0.53 14.21
C LEU A 158 3.29 0.10 14.93
N LEU A 159 2.95 -1.17 14.80
CA LEU A 159 1.72 -1.69 15.38
C LEU A 159 1.74 -1.69 16.90
N CYS A 160 2.93 -1.87 17.48
CA CYS A 160 3.07 -1.82 18.94
C CYS A 160 3.06 -0.40 19.51
N ALA A 161 3.33 0.60 18.67
CA ALA A 161 3.23 1.99 19.08
C ALA A 161 1.77 2.40 19.23
N VAL A 162 0.95 1.95 18.26
CA VAL A 162 -0.45 2.36 18.20
C VAL A 162 -1.33 1.60 19.19
N SER A 163 -0.99 0.34 19.47
CA SER A 163 -1.73 -0.48 20.43
C SER A 163 -0.96 -1.77 20.71
N CYS A 164 -0.20 -1.78 21.80
CA CYS A 164 0.77 -2.85 22.05
C CYS A 164 0.14 -4.12 22.62
N ASP A 165 -0.65 -3.96 23.69
CA ASP A 165 -1.36 -5.07 24.35
C ASP A 165 -2.12 -6.03 23.39
N ALA A 166 -2.65 -5.51 22.29
CA ALA A 166 -3.43 -6.30 21.31
C ALA A 166 -2.60 -7.10 20.29
N VAL A 167 -1.30 -6.83 20.21
CA VAL A 167 -0.45 -7.36 19.15
C VAL A 167 0.44 -8.50 19.64
N SER A 168 0.56 -9.55 18.83
CA SER A 168 1.56 -10.58 19.04
C SER A 168 2.05 -11.00 17.67
N TYR A 169 3.19 -11.68 17.61
CA TYR A 169 3.75 -12.08 16.31
C TYR A 169 4.62 -13.32 16.38
N ARG A 170 4.96 -13.83 15.21
CA ARG A 170 5.94 -14.88 15.06
C ARG A 170 6.69 -14.64 13.75
N ILE A 171 8.01 -14.50 13.85
CA ILE A 171 8.89 -14.41 12.69
C ILE A 171 9.49 -15.77 12.37
N THR A 172 9.27 -16.23 11.14
CA THR A 172 9.89 -17.44 10.61
C THR A 172 10.89 -17.00 9.54
N LYS A 173 12.16 -17.24 9.80
CA LYS A 173 13.25 -16.61 9.07
C LYS A 173 14.24 -17.66 8.55
N GLY A 174 14.80 -17.40 7.37
CA GLY A 174 15.89 -18.21 6.81
C GLY A 174 15.61 -19.69 6.65
N GLU A 175 16.42 -20.51 7.30
CA GLU A 175 16.25 -21.96 7.23
C GLU A 175 14.93 -22.44 7.81
N ASP A 176 14.40 -21.75 8.82
CA ASP A 176 13.10 -22.12 9.41
C ASP A 176 12.00 -22.15 8.34
N LEU A 177 12.15 -21.32 7.30
CA LEU A 177 11.20 -21.30 6.20
C LEU A 177 11.30 -22.59 5.41
N ARG A 178 12.50 -22.96 4.96
CA ARG A 178 12.69 -24.23 4.27
C ARG A 178 12.21 -25.39 5.14
N GLU A 179 12.65 -25.41 6.39
CA GLU A 179 12.27 -26.48 7.32
C GLU A 179 10.75 -26.65 7.44
N GLN A 180 9.97 -25.57 7.30
CA GLN A 180 8.50 -25.65 7.36
C GLN A 180 7.79 -25.51 6.01
N ASN A 181 8.49 -25.83 4.93
CA ASN A 181 7.90 -25.91 3.58
C ASN A 181 7.30 -24.59 3.05
N TYR A 182 7.91 -23.47 3.43
CA TYR A 182 7.63 -22.19 2.81
C TYR A 182 8.53 -22.05 1.56
N ALA A 183 8.27 -22.91 0.59
CA ALA A 183 9.15 -23.05 -0.57
C ALA A 183 9.19 -21.77 -1.40
N GLY A 184 8.08 -21.05 -1.44
CA GLY A 184 7.99 -19.84 -2.25
C GLY A 184 8.87 -18.74 -1.71
N ILE A 185 8.73 -18.46 -0.42
CA ILE A 185 9.49 -17.42 0.22
C ILE A 185 10.97 -17.79 0.32
N TYR A 186 11.25 -19.04 0.70
CA TYR A 186 12.63 -19.49 0.83
C TYR A 186 13.40 -19.44 -0.50
N THR A 187 12.71 -19.77 -1.58
CA THR A 187 13.32 -19.82 -2.91
C THR A 187 13.56 -18.43 -3.47
N VAL A 188 12.57 -17.56 -3.37
CA VAL A 188 12.74 -16.20 -3.85
C VAL A 188 13.91 -15.53 -3.13
N GLY A 189 14.05 -15.80 -1.84
CA GLY A 189 15.11 -15.17 -1.05
C GLY A 189 16.48 -15.78 -1.22
N ARG A 190 16.56 -16.89 -1.94
CA ARG A 190 17.71 -17.80 -1.88
C ARG A 190 19.06 -17.13 -2.10
N GLY A 191 19.13 -16.23 -3.08
CA GLY A 191 20.41 -15.70 -3.48
C GLY A 191 21.13 -14.75 -2.54
N SER A 192 20.41 -14.17 -1.57
CA SER A 192 20.86 -12.97 -0.88
C SER A 192 21.54 -13.19 0.47
N ASP A 193 22.33 -12.21 0.89
CA ASP A 193 22.98 -12.22 2.21
C ASP A 193 21.99 -11.92 3.31
N ARG A 194 20.85 -11.34 2.96
CA ARG A 194 19.82 -11.01 3.93
C ARG A 194 18.72 -12.05 3.78
N ALA A 195 18.53 -12.84 4.83
CA ALA A 195 17.66 -14.00 4.77
C ALA A 195 16.20 -13.59 4.63
N PRO A 196 15.42 -14.39 3.86
CA PRO A 196 13.98 -14.13 3.75
C PRO A 196 13.28 -14.34 5.08
N VAL A 197 12.11 -13.73 5.21
CA VAL A 197 11.39 -13.65 6.47
C VAL A 197 9.89 -13.70 6.21
N LEU A 198 9.18 -14.50 6.99
CA LEU A 198 7.73 -14.42 7.07
C LEU A 198 7.37 -13.84 8.44
N LEU A 199 6.64 -12.72 8.43
CA LEU A 199 6.04 -12.16 9.64
C LEU A 199 4.57 -12.52 9.68
N ALA A 200 4.18 -13.32 10.67
CA ALA A 200 2.77 -13.55 10.99
C ALA A 200 2.42 -12.70 12.20
N LEU A 201 1.58 -11.69 12.00
CA LEU A 201 1.21 -10.77 13.08
C LEU A 201 -0.27 -10.87 13.37
N ASP A 202 -0.60 -10.93 14.65
CA ASP A 202 -1.96 -11.12 15.12
C ASP A 202 -2.42 -9.89 15.93
N TYR A 203 -3.34 -9.11 15.35
CA TYR A 203 -4.00 -8.01 16.05
C TYR A 203 -5.30 -8.54 16.64
N ASN A 204 -5.29 -8.78 17.95
CA ASN A 204 -6.43 -9.34 18.67
C ASN A 204 -6.75 -8.45 19.89
N PRO A 205 -7.69 -7.49 19.73
CA PRO A 205 -8.07 -6.56 20.80
C PRO A 205 -8.75 -7.23 21.99
N THR A 206 -9.76 -8.06 21.73
CA THR A 206 -10.59 -8.66 22.77
C THR A 206 -9.81 -9.41 23.86
N GLY A 207 -8.67 -9.99 23.50
CA GLY A 207 -7.91 -10.83 24.41
C GLY A 207 -8.21 -12.30 24.17
N ASN A 208 -9.50 -12.63 24.13
CA ASN A 208 -9.97 -13.98 23.81
C ASN A 208 -9.19 -14.59 22.65
N PRO A 209 -8.37 -15.62 22.91
CA PRO A 209 -7.62 -16.28 21.83
C PRO A 209 -8.47 -17.15 20.90
N ASP A 210 -9.71 -17.46 21.30
CA ASP A 210 -10.67 -18.14 20.43
C ASP A 210 -11.42 -17.18 19.53
N ALA A 211 -11.29 -15.88 19.79
CA ALA A 211 -11.97 -14.86 18.99
C ALA A 211 -11.74 -15.13 17.50
N PRO A 212 -12.82 -15.09 16.71
CA PRO A 212 -12.69 -15.45 15.30
C PRO A 212 -11.89 -14.41 14.53
N VAL A 213 -11.03 -14.86 13.63
CA VAL A 213 -10.24 -13.97 12.79
C VAL A 213 -11.14 -13.50 11.65
N MET A 214 -11.32 -12.19 11.54
CA MET A 214 -12.27 -11.64 10.59
C MET A 214 -11.62 -11.28 9.26
N ALA A 215 -10.38 -10.80 9.31
CA ALA A 215 -9.65 -10.49 8.10
C ALA A 215 -8.21 -10.94 8.16
N CYS A 216 -7.70 -11.41 7.02
CA CYS A 216 -6.29 -11.68 6.84
C CYS A 216 -5.78 -10.75 5.78
N LEU A 217 -4.64 -10.13 6.05
CA LEU A 217 -4.01 -9.23 5.10
C LEU A 217 -2.65 -9.81 4.70
N VAL A 218 -2.40 -9.94 3.40
CA VAL A 218 -1.17 -10.54 2.88
C VAL A 218 -0.41 -9.53 2.04
N GLY A 219 0.79 -9.14 2.47
CA GLY A 219 1.56 -8.07 1.82
C GLY A 219 2.83 -8.53 1.13
N LYS A 220 3.05 -8.02 -0.08
CA LYS A 220 4.26 -8.31 -0.84
C LYS A 220 5.41 -7.45 -0.33
N GLY A 221 6.43 -8.11 0.22
CA GLY A 221 7.58 -7.43 0.83
C GLY A 221 8.91 -7.72 0.15
N ILE A 222 8.99 -7.49 -1.15
CA ILE A 222 10.27 -7.62 -1.84
C ILE A 222 11.14 -6.39 -1.53
N THR A 223 12.17 -6.65 -0.74
CA THR A 223 13.01 -5.62 -0.20
C THR A 223 14.15 -5.24 -1.16
N PHE A 224 14.33 -6.05 -2.21
CA PHE A 224 15.28 -5.78 -3.28
C PHE A 224 14.79 -6.47 -4.55
N ASP A 225 14.73 -5.75 -5.68
CA ASP A 225 14.26 -6.35 -6.92
C ASP A 225 15.23 -6.16 -8.09
N SER A 226 15.57 -7.28 -8.73
CA SER A 226 16.55 -7.37 -9.84
C SER A 226 16.51 -6.21 -10.83
N GLY A 227 15.35 -5.96 -11.42
CA GLY A 227 15.19 -4.89 -12.40
C GLY A 227 13.73 -4.61 -12.70
N ASP A 238 15.14 4.67 -9.49
CA ASP A 238 15.05 3.85 -8.28
C ASP A 238 13.60 3.44 -7.95
N SER A 239 12.90 2.85 -8.92
CA SER A 239 11.54 2.29 -8.69
C SER A 239 11.59 1.00 -7.89
N MET A 240 12.78 0.40 -7.85
CA MET A 240 13.06 -0.87 -7.18
C MET A 240 12.67 -0.91 -5.70
N LYS A 241 12.91 0.18 -4.97
CA LYS A 241 12.58 0.24 -3.53
C LYS A 241 11.08 0.31 -3.21
N SER A 242 10.25 0.46 -4.24
CA SER A 242 8.79 0.42 -4.09
C SER A 242 8.19 -0.99 -4.22
N ASP A 243 9.02 -2.03 -4.22
CA ASP A 243 8.54 -3.38 -4.47
C ASP A 243 8.15 -4.07 -3.17
N MET A 244 8.30 -3.36 -2.05
CA MET A 244 7.76 -3.85 -0.77
C MET A 244 6.62 -2.95 -0.29
N GLY A 245 6.03 -2.20 -1.23
CA GLY A 245 4.98 -1.24 -0.90
C GLY A 245 3.63 -1.84 -0.52
N GLY A 246 3.37 -3.07 -0.95
CA GLY A 246 2.13 -3.78 -0.57
C GLY A 246 2.15 -4.11 0.90
N ALA A 247 3.30 -4.59 1.37
CA ALA A 247 3.49 -4.86 2.78
C ALA A 247 3.34 -3.58 3.62
N ALA A 248 4.03 -2.52 3.23
CA ALA A 248 4.00 -1.28 4.02
C ALA A 248 2.60 -0.70 4.06
N THR A 249 1.91 -0.73 2.93
CA THR A 249 0.58 -0.15 2.82
C THR A 249 -0.46 -0.89 3.69
N LEU A 250 -0.38 -2.22 3.76
CA LEU A 250 -1.31 -2.99 4.60
C LEU A 250 -0.94 -2.92 6.08
N THR A 251 0.34 -2.73 6.35
CA THR A 251 0.81 -2.52 7.71
C THR A 251 0.28 -1.19 8.23
N GLY A 252 0.23 -0.19 7.36
CA GLY A 252 -0.33 1.10 7.73
C GLY A 252 -1.84 1.05 7.84
N ALA A 253 -2.47 0.28 6.97
CA ALA A 253 -3.92 0.10 6.98
C ALA A 253 -4.35 -0.48 8.31
N LEU A 254 -3.70 -1.57 8.72
CA LEU A 254 -4.06 -2.21 9.98
C LEU A 254 -3.81 -1.28 11.15
N ALA A 255 -2.63 -0.64 11.12
CA ALA A 255 -2.25 0.30 12.18
C ALA A 255 -3.24 1.46 12.31
N LEU A 256 -3.65 2.02 11.18
CA LEU A 256 -4.60 3.13 11.18
C LEU A 256 -5.97 2.67 11.67
N ALA A 257 -6.40 1.50 11.21
CA ALA A 257 -7.65 0.92 11.68
C ALA A 257 -7.63 0.76 13.20
N ALA A 258 -6.56 0.17 13.72
CA ALA A 258 -6.40 -0.06 15.17
C ALA A 258 -6.36 1.25 15.93
N ALA A 259 -5.67 2.24 15.37
CA ALA A 259 -5.63 3.58 15.96
C ALA A 259 -7.03 4.20 16.04
N ARG A 260 -7.91 3.85 15.10
CA ARG A 260 -9.32 4.26 15.13
C ARG A 260 -10.18 3.28 15.93
N GLY A 261 -9.56 2.30 16.58
CA GLY A 261 -10.24 1.43 17.53
C GLY A 261 -10.93 0.22 16.94
N LEU A 262 -10.30 -0.40 15.93
CA LEU A 262 -10.86 -1.58 15.26
C LEU A 262 -11.08 -2.71 16.26
N LYS A 263 -12.33 -3.11 16.42
CA LYS A 263 -12.70 -4.11 17.41
C LYS A 263 -12.41 -5.53 16.95
N GLU A 264 -12.50 -5.80 15.66
CA GLU A 264 -12.33 -7.17 15.17
C GLU A 264 -10.86 -7.61 15.15
N ARG A 265 -10.66 -8.93 15.14
CA ARG A 265 -9.32 -9.54 15.11
C ARG A 265 -8.82 -9.66 13.67
N VAL A 266 -7.56 -9.32 13.46
CA VAL A 266 -6.98 -9.31 12.10
C VAL A 266 -5.58 -9.92 12.09
N LYS A 267 -5.34 -10.83 11.14
CA LYS A 267 -4.01 -11.39 10.94
C LYS A 267 -3.33 -10.72 9.75
N LEU A 268 -2.03 -10.46 9.90
CA LEU A 268 -1.23 -9.78 8.87
C LEU A 268 -0.02 -10.61 8.52
N TYR A 269 0.12 -10.94 7.25
CA TYR A 269 1.24 -11.75 6.77
C TYR A 269 2.13 -10.94 5.82
N LEU A 270 3.32 -10.56 6.27
CA LEU A 270 4.26 -9.88 5.39
C LEU A 270 5.25 -10.88 4.79
N CYS A 271 5.08 -11.15 3.50
CA CYS A 271 5.96 -12.09 2.80
C CYS A 271 7.18 -11.34 2.26
N CYS A 272 8.32 -11.51 2.93
CA CYS A 272 9.48 -10.64 2.74
C CYS A 272 10.71 -11.40 2.27
N ALA A 273 11.40 -10.84 1.27
CA ALA A 273 12.58 -11.46 0.68
C ALA A 273 13.28 -10.48 -0.24
N ASP A 274 14.60 -10.62 -0.37
CA ASP A 274 15.31 -10.02 -1.49
C ASP A 274 15.03 -10.90 -2.72
N ASN A 275 14.97 -10.28 -3.90
CA ASN A 275 14.76 -11.01 -5.16
C ASN A 275 15.95 -10.78 -6.09
N MET A 276 16.97 -11.59 -5.88
CA MET A 276 18.15 -11.58 -6.74
C MET A 276 18.02 -12.72 -7.74
N VAL A 277 18.45 -12.46 -8.97
CA VAL A 277 18.25 -13.39 -10.09
C VAL A 277 19.56 -13.97 -10.65
N SER A 278 20.65 -13.23 -10.50
CA SER A 278 21.92 -13.59 -11.10
C SER A 278 22.71 -14.57 -10.22
N GLY A 279 23.28 -15.58 -10.86
CA GLY A 279 24.27 -16.44 -10.21
C GLY A 279 23.72 -17.43 -9.21
N ASN A 280 24.05 -17.23 -7.94
CA ASN A 280 23.72 -18.21 -6.89
C ASN A 280 22.26 -18.16 -6.40
N ALA A 281 21.47 -17.28 -7.01
CA ALA A 281 20.03 -17.29 -6.85
C ALA A 281 19.35 -18.44 -7.61
N PHE A 282 20.02 -19.00 -8.63
CA PHE A 282 19.54 -20.18 -9.39
C PHE A 282 18.05 -20.15 -9.73
N LYS A 283 17.62 -19.06 -10.39
CA LYS A 283 16.20 -18.77 -10.53
C LYS A 283 15.51 -19.33 -11.80
N LEU A 284 16.14 -19.20 -12.96
CA LEU A 284 15.45 -19.51 -14.20
C LEU A 284 15.15 -21.00 -14.29
N GLY A 285 13.91 -21.34 -14.59
CA GLY A 285 13.49 -22.74 -14.75
C GLY A 285 13.25 -23.53 -13.47
N ASP A 286 13.38 -22.88 -12.31
CA ASP A 286 13.20 -23.58 -11.03
C ASP A 286 11.72 -23.92 -10.83
N ILE A 287 11.45 -25.11 -10.31
CA ILE A 287 10.09 -25.52 -10.02
C ILE A 287 9.91 -25.57 -8.50
N ILE A 288 8.89 -24.84 -8.01
CA ILE A 288 8.61 -24.78 -6.58
C ILE A 288 7.39 -25.64 -6.28
N ARG A 289 7.53 -26.59 -5.37
CA ARG A 289 6.38 -27.34 -4.88
C ARG A 289 5.84 -26.64 -3.63
N TYR A 290 4.63 -26.12 -3.74
CA TYR A 290 3.98 -25.47 -2.60
C TYR A 290 3.22 -26.49 -1.77
N ARG A 291 2.90 -26.12 -0.54
CA ARG A 291 2.24 -27.00 0.41
C ARG A 291 0.84 -27.47 -0.06
N ASN A 292 0.14 -26.66 -0.83
CA ASN A 292 -1.16 -27.07 -1.38
C ASN A 292 -1.02 -27.93 -2.63
N GLY A 293 0.17 -28.51 -2.83
CA GLY A 293 0.40 -29.43 -3.94
C GLY A 293 0.74 -28.79 -5.28
N LYS A 294 0.73 -27.46 -5.35
CA LYS A 294 0.97 -26.77 -6.63
C LYS A 294 2.44 -26.74 -6.97
N THR A 295 2.74 -26.95 -8.25
CA THR A 295 4.10 -26.79 -8.76
C THR A 295 4.11 -25.59 -9.71
N VAL A 296 5.14 -24.75 -9.59
CA VAL A 296 5.23 -23.50 -10.33
C VAL A 296 6.63 -23.36 -10.94
N GLU A 297 6.71 -23.31 -12.27
CA GLU A 297 7.98 -23.00 -12.94
C GLU A 297 8.23 -21.49 -12.92
N ILE A 298 9.48 -21.10 -12.67
CA ILE A 298 9.88 -19.69 -12.81
C ILE A 298 10.39 -19.45 -14.23
N MET A 299 9.50 -18.94 -15.09
CA MET A 299 9.85 -18.51 -16.45
C MET A 299 10.45 -17.11 -16.45
N ASN A 300 9.86 -16.24 -15.62
CA ASN A 300 10.24 -14.84 -15.52
C ASN A 300 10.78 -14.57 -14.12
N THR A 301 12.10 -14.40 -14.05
CA THR A 301 12.81 -14.28 -12.78
C THR A 301 12.49 -12.96 -12.08
N ASP A 302 11.87 -12.02 -12.79
CA ASP A 302 11.47 -10.76 -12.19
C ASP A 302 10.10 -10.81 -11.50
N ALA A 303 9.22 -11.69 -11.97
CA ALA A 303 7.87 -11.82 -11.43
C ALA A 303 7.87 -12.80 -10.25
N GLU A 304 8.50 -12.42 -9.15
CA GLU A 304 8.65 -13.31 -7.99
C GLU A 304 7.88 -12.84 -6.74
N GLY A 305 7.26 -11.66 -6.80
CA GLY A 305 6.41 -11.21 -5.72
C GLY A 305 5.19 -12.10 -5.53
N ARG A 306 4.65 -12.57 -6.65
CA ARG A 306 3.51 -13.47 -6.60
C ARG A 306 3.89 -14.82 -5.98
N LEU A 307 5.17 -15.17 -6.07
CA LEU A 307 5.67 -16.44 -5.55
C LEU A 307 5.72 -16.42 -4.04
N VAL A 308 6.17 -15.30 -3.46
CA VAL A 308 6.19 -15.14 -2.00
C VAL A 308 4.76 -14.98 -1.45
N LEU A 309 3.91 -14.29 -2.20
CA LEU A 309 2.52 -14.09 -1.79
C LEU A 309 1.72 -15.38 -1.71
N ALA A 310 1.99 -16.30 -2.63
CA ALA A 310 1.33 -17.61 -2.68
C ALA A 310 1.43 -18.35 -1.35
N ASP A 311 2.59 -18.28 -0.70
CA ASP A 311 2.78 -18.88 0.62
C ASP A 311 1.96 -18.19 1.70
N GLY A 312 1.95 -16.86 1.69
CA GLY A 312 1.12 -16.10 2.61
C GLY A 312 -0.37 -16.37 2.42
N LEU A 313 -0.76 -16.58 1.16
CA LEU A 313 -2.15 -16.85 0.82
C LEU A 313 -2.61 -18.23 1.27
N ILE A 314 -1.67 -19.16 1.36
CA ILE A 314 -1.95 -20.50 1.88
C ILE A 314 -2.23 -20.43 3.37
N ASP A 315 -1.39 -19.71 4.10
CA ASP A 315 -1.60 -19.49 5.52
C ASP A 315 -2.91 -18.77 5.81
N ALA A 316 -3.18 -17.70 5.07
CA ALA A 316 -4.39 -16.88 5.29
C ALA A 316 -5.68 -17.68 5.09
N SER A 317 -5.67 -18.60 4.12
CA SER A 317 -6.83 -19.45 3.85
C SER A 317 -7.08 -20.52 4.94
N GLU A 318 -6.02 -20.91 5.65
CA GLU A 318 -6.15 -21.83 6.78
C GLU A 318 -6.80 -21.20 8.00
N GLN A 319 -6.90 -19.87 8.03
CA GLN A 319 -7.54 -19.15 9.13
C GLN A 319 -9.06 -19.12 8.97
N ASN A 320 -9.54 -19.39 7.75
CA ASN A 320 -10.98 -19.41 7.45
C ASN A 320 -11.70 -18.13 7.90
N ALA A 321 -11.15 -17.00 7.46
CA ALA A 321 -11.73 -15.69 7.68
C ALA A 321 -12.62 -15.31 6.48
N PRO A 322 -13.69 -14.55 6.72
CA PRO A 322 -14.57 -14.14 5.63
C PRO A 322 -13.99 -13.07 4.70
N LEU A 323 -12.85 -12.48 5.09
CA LEU A 323 -12.18 -11.51 4.23
C LEU A 323 -10.69 -11.82 4.15
N ILE A 324 -10.18 -11.87 2.92
CA ILE A 324 -8.75 -11.91 2.69
C ILE A 324 -8.39 -10.83 1.67
N ILE A 325 -7.43 -9.99 2.02
CA ILE A 325 -6.95 -8.97 1.10
C ILE A 325 -5.47 -9.17 0.92
N ASP A 326 -5.02 -9.17 -0.33
CA ASP A 326 -3.58 -9.17 -0.60
C ASP A 326 -3.24 -7.96 -1.45
N ALA A 327 -2.01 -7.49 -1.31
CA ALA A 327 -1.57 -6.30 -1.99
C ALA A 327 -0.16 -6.51 -2.53
N ALA A 328 0.05 -6.15 -3.79
CA ALA A 328 1.32 -6.29 -4.45
C ALA A 328 1.49 -5.17 -5.47
N THR A 329 2.68 -4.61 -5.53
CA THR A 329 3.00 -3.61 -6.55
C THR A 329 3.44 -4.32 -7.83
N LEU A 330 3.50 -3.57 -8.92
CA LEU A 330 4.18 -3.99 -10.17
C LEU A 330 3.84 -5.42 -10.63
N THR A 331 2.54 -5.71 -10.72
CA THR A 331 2.05 -6.99 -11.26
C THR A 331 1.42 -6.77 -12.63
N LYS A 335 3.55 -2.73 -16.16
CA LYS A 335 2.61 -2.46 -17.25
C LYS A 335 1.16 -2.37 -16.74
N THR A 336 0.64 -1.13 -16.69
CA THR A 336 -0.79 -0.86 -16.44
C THR A 336 -1.24 0.31 -17.30
N ALA A 337 -2.55 0.36 -17.59
CA ALA A 337 -3.15 1.44 -18.37
C ALA A 337 -3.98 2.41 -17.51
N LEU A 338 -3.91 2.25 -16.18
CA LEU A 338 -4.46 3.24 -15.25
C LEU A 338 -3.46 4.35 -14.94
N GLY A 339 -2.20 4.16 -15.33
CA GLY A 339 -1.13 5.06 -14.93
C GLY A 339 -0.79 4.86 -13.46
N ASN A 340 -0.31 5.91 -12.82
CA ASN A 340 -0.06 5.88 -11.38
C ASN A 340 -1.19 6.56 -10.64
N ASP A 341 -2.33 6.71 -11.28
CA ASP A 341 -3.42 7.51 -10.70
C ASP A 341 -4.41 6.65 -9.91
N TYR A 342 -4.51 5.36 -10.22
CA TYR A 342 -5.46 4.48 -9.55
C TYR A 342 -4.75 3.28 -8.96
N HIS A 343 -5.18 2.85 -7.77
CA HIS A 343 -4.92 1.49 -7.32
C HIS A 343 -5.92 0.60 -8.07
N ALA A 344 -5.50 -0.60 -8.45
CA ALA A 344 -6.39 -1.52 -9.15
C ALA A 344 -6.82 -2.61 -8.20
N LEU A 345 -8.05 -3.11 -8.34
CA LEU A 345 -8.48 -4.26 -7.55
C LEU A 345 -9.02 -5.38 -8.43
N PHE A 346 -8.84 -6.62 -7.97
CA PHE A 346 -9.29 -7.79 -8.69
C PHE A 346 -10.01 -8.70 -7.71
N SER A 347 -11.26 -9.04 -8.00
CA SER A 347 -11.92 -10.13 -7.27
C SER A 347 -12.99 -10.82 -8.09
N PHE A 348 -13.28 -12.07 -7.72
CA PHE A 348 -14.45 -12.77 -8.24
C PHE A 348 -15.73 -12.33 -7.53
N ASP A 349 -15.60 -11.76 -6.33
CA ASP A 349 -16.74 -11.37 -5.50
C ASP A 349 -17.17 -9.95 -5.85
N ASP A 350 -18.25 -9.82 -6.62
CA ASP A 350 -18.78 -8.50 -7.01
C ASP A 350 -19.08 -7.57 -5.83
N GLU A 351 -19.86 -8.06 -4.88
CA GLU A 351 -20.28 -7.26 -3.72
C GLU A 351 -19.08 -6.76 -2.89
N LEU A 352 -18.04 -7.59 -2.77
CA LEU A 352 -16.83 -7.20 -2.05
C LEU A 352 -16.00 -6.17 -2.84
N ALA A 353 -15.95 -6.30 -4.15
CA ALA A 353 -15.25 -5.33 -4.98
C ALA A 353 -15.90 -3.96 -4.84
N GLN A 354 -17.24 -3.96 -4.72
CA GLN A 354 -18.00 -2.72 -4.53
C GLN A 354 -17.81 -2.10 -3.17
N ALA A 355 -17.73 -2.93 -2.14
CA ALA A 355 -17.44 -2.46 -0.80
C ALA A 355 -16.13 -1.67 -0.75
N LEU A 356 -15.09 -2.18 -1.42
CA LEU A 356 -13.80 -1.51 -1.45
C LEU A 356 -13.88 -0.19 -2.24
N LEU A 357 -14.55 -0.22 -3.39
CA LEU A 357 -14.76 1.00 -4.15
C LEU A 357 -15.51 2.06 -3.34
N ASN A 358 -16.43 1.61 -2.49
CA ASN A 358 -17.16 2.50 -1.61
C ASN A 358 -16.27 3.14 -0.55
N SER A 359 -15.42 2.32 0.08
CA SER A 359 -14.38 2.83 0.99
C SER A 359 -13.48 3.86 0.28
N ALA A 360 -13.02 3.50 -0.92
CA ALA A 360 -12.13 4.35 -1.69
C ALA A 360 -12.74 5.71 -1.97
N HIS A 361 -14.05 5.75 -2.24
CA HIS A 361 -14.77 7.02 -2.43
C HIS A 361 -14.92 7.78 -1.11
N SER A 362 -15.20 7.06 -0.03
CA SER A 362 -15.37 7.69 1.29
C SER A 362 -14.08 8.29 1.78
N GLU A 363 -12.96 7.74 1.34
CA GLU A 363 -11.65 8.23 1.74
C GLU A 363 -10.97 9.04 0.63
N HIS A 364 -11.73 9.45 -0.39
CA HIS A 364 -11.22 10.26 -1.50
C HIS A 364 -9.92 9.71 -2.09
N GLU A 365 -9.85 8.39 -2.25
CA GLU A 365 -8.70 7.79 -2.93
C GLU A 365 -9.20 7.12 -4.20
N LEU A 366 -8.35 7.11 -5.23
CA LEU A 366 -8.71 6.56 -6.52
C LEU A 366 -8.39 5.07 -6.62
N PHE A 367 -9.44 4.27 -6.72
CA PHE A 367 -9.37 2.82 -6.99
C PHE A 367 -10.19 2.52 -8.23
N TRP A 368 -9.88 1.42 -8.89
CA TRP A 368 -10.60 1.04 -10.11
C TRP A 368 -10.52 -0.47 -10.33
N ARG A 369 -11.63 -1.07 -10.72
CA ARG A 369 -11.70 -2.51 -10.86
C ARG A 369 -11.21 -2.96 -12.23
N LEU A 370 -10.46 -4.05 -12.26
CA LEU A 370 -9.98 -4.65 -13.51
C LEU A 370 -10.42 -6.12 -13.60
N PRO A 371 -10.34 -6.70 -14.81
CA PRO A 371 -11.01 -7.99 -15.02
C PRO A 371 -10.34 -9.15 -14.30
N LEU A 372 -11.15 -10.04 -13.75
CA LEU A 372 -10.69 -11.33 -13.25
C LEU A 372 -11.83 -12.35 -13.39
N ALA A 373 -11.88 -13.00 -14.55
CA ALA A 373 -12.83 -14.06 -14.81
C ALA A 373 -12.15 -15.42 -14.70
N GLU A 374 -12.97 -16.46 -14.76
CA GLU A 374 -12.50 -17.83 -14.64
C GLU A 374 -11.46 -18.20 -15.71
N PHE A 375 -11.68 -17.75 -16.94
CA PHE A 375 -10.80 -18.13 -18.05
C PHE A 375 -9.32 -17.72 -17.89
N HIS A 376 -9.05 -16.67 -17.10
CA HIS A 376 -7.68 -16.25 -16.80
C HIS A 376 -6.88 -17.34 -16.07
N ARG A 377 -7.59 -18.16 -15.30
CA ARG A 377 -6.94 -19.22 -14.52
C ARG A 377 -6.31 -20.31 -15.39
N SER A 378 -6.72 -20.42 -16.65
CA SER A 378 -6.16 -21.38 -17.59
C SER A 378 -4.99 -20.79 -18.37
N GLN A 379 -4.84 -19.47 -18.31
CA GLN A 379 -3.85 -18.77 -19.13
C GLN A 379 -2.42 -18.79 -18.58
N LEU A 380 -2.09 -19.71 -17.68
CA LEU A 380 -0.72 -19.86 -17.21
C LEU A 380 -0.21 -21.31 -17.28
N PRO A 381 -0.32 -21.94 -18.46
CA PRO A 381 0.20 -23.30 -18.58
C PRO A 381 1.72 -23.36 -18.59
N SER A 382 2.27 -24.55 -18.31
CA SER A 382 3.71 -24.76 -18.27
C SER A 382 4.05 -26.09 -18.94
N ASN A 383 5.22 -26.13 -19.58
CA ASN A 383 5.72 -27.35 -20.23
C ASN A 383 6.28 -28.31 -19.20
N PHE A 384 6.68 -27.79 -18.04
CA PHE A 384 7.39 -28.59 -17.04
C PHE A 384 6.73 -28.70 -15.66
N ALA A 385 5.72 -27.88 -15.38
CA ALA A 385 5.06 -27.85 -14.08
C ALA A 385 3.57 -27.64 -14.26
N GLU A 386 2.83 -27.62 -13.15
CA GLU A 386 1.40 -27.39 -13.21
C GLU A 386 1.11 -26.02 -13.79
N LEU A 387 1.84 -24.99 -13.34
CA LEU A 387 1.72 -23.68 -13.96
C LEU A 387 3.00 -22.87 -13.96
N ASN A 388 3.06 -21.91 -14.89
CA ASN A 388 4.15 -20.96 -14.97
C ASN A 388 3.84 -19.78 -14.11
N ASN A 389 4.87 -19.00 -13.76
CA ASN A 389 4.67 -17.81 -12.92
C ASN A 389 4.08 -16.66 -13.71
N VAL A 390 4.20 -16.70 -15.04
CA VAL A 390 3.59 -15.70 -15.94
C VAL A 390 2.91 -16.37 -17.14
N ALA A 391 2.14 -15.58 -17.90
CA ALA A 391 1.61 -16.01 -19.20
C ALA A 391 2.62 -15.78 -20.33
N GLY A 392 3.45 -14.75 -20.18
CA GLY A 392 4.55 -14.47 -21.12
C GLY A 392 4.14 -13.82 -22.42
N GLY A 393 4.61 -14.38 -23.53
CA GLY A 393 4.26 -13.91 -24.88
C GLY A 393 3.25 -14.79 -25.60
N ALA A 394 2.86 -15.91 -24.97
CA ALA A 394 1.87 -16.83 -25.54
C ALA A 394 0.44 -16.36 -25.28
N TYR A 395 0.24 -15.63 -24.18
CA TYR A 395 -1.03 -14.99 -23.85
C TYR A 395 -0.75 -13.57 -23.33
N SER A 396 -0.38 -12.67 -24.24
CA SER A 396 -0.04 -11.28 -23.91
C SER A 396 -0.98 -10.66 -22.87
N ALA A 397 -0.66 -10.89 -21.60
CA ALA A 397 -1.47 -10.44 -20.47
C ALA A 397 -0.59 -9.75 -19.40
N GLY A 398 -1.22 -9.26 -18.33
CA GLY A 398 -0.46 -8.62 -17.26
C GLY A 398 -1.05 -8.82 -15.88
N ALA A 399 -1.84 -7.86 -15.43
CA ALA A 399 -2.32 -7.83 -14.05
C ALA A 399 -3.47 -8.82 -13.78
N SER A 400 -4.30 -9.09 -14.79
CA SER A 400 -5.36 -10.10 -14.66
C SER A 400 -4.77 -11.50 -14.46
N THR A 401 -3.77 -11.85 -15.27
CA THR A 401 -3.08 -13.14 -15.14
C THR A 401 -2.30 -13.25 -13.83
N ALA A 402 -1.73 -12.15 -13.34
CA ALA A 402 -1.06 -12.18 -12.05
C ALA A 402 -2.08 -12.46 -10.94
N ALA A 403 -3.23 -11.80 -11.01
CA ALA A 403 -4.31 -12.06 -10.05
C ALA A 403 -4.83 -13.49 -10.21
N ALA A 404 -4.96 -13.97 -11.45
CA ALA A 404 -5.42 -15.34 -11.68
C ALA A 404 -4.48 -16.36 -11.08
N PHE A 405 -3.17 -16.12 -11.19
CA PHE A 405 -2.15 -16.98 -10.59
C PHE A 405 -2.29 -17.09 -9.08
N LEU A 406 -2.48 -15.96 -8.41
CA LEU A 406 -2.65 -15.98 -6.95
C LEU A 406 -3.89 -16.78 -6.54
N SER A 407 -4.92 -16.78 -7.38
CA SER A 407 -6.19 -17.43 -7.01
C SER A 407 -6.04 -18.95 -6.83
N HIS A 408 -4.99 -19.53 -7.41
CA HIS A 408 -4.63 -20.93 -7.20
C HIS A 408 -4.05 -21.24 -5.81
N PHE A 409 -4.00 -20.22 -4.95
CA PHE A 409 -3.51 -20.38 -3.58
C PHE A 409 -4.48 -19.82 -2.54
N VAL A 410 -5.71 -19.56 -2.97
CA VAL A 410 -6.76 -19.11 -2.09
C VAL A 410 -7.85 -20.17 -2.16
N LYS A 411 -7.99 -20.93 -1.07
CA LYS A 411 -8.97 -22.03 -0.94
C LYS A 411 -10.35 -21.74 -1.54
N ASN A 412 -11.02 -20.69 -1.07
CA ASN A 412 -12.31 -20.27 -1.62
C ASN A 412 -12.09 -18.96 -2.34
N TYR A 413 -11.44 -19.01 -3.50
CA TYR A 413 -11.04 -17.80 -4.23
C TYR A 413 -12.23 -17.01 -4.77
N GLN A 414 -13.41 -17.63 -4.77
CA GLN A 414 -14.58 -17.12 -5.48
C GLN A 414 -15.36 -16.14 -4.61
N GLN A 415 -15.37 -16.38 -3.30
CA GLN A 415 -15.97 -15.46 -2.34
C GLN A 415 -14.91 -14.90 -1.40
N GLY A 416 -15.06 -13.63 -1.03
CA GLY A 416 -14.30 -13.05 0.08
C GLY A 416 -12.81 -12.82 -0.08
N TRP A 417 -12.33 -12.78 -1.31
CA TRP A 417 -10.91 -12.53 -1.58
C TRP A 417 -10.74 -11.31 -2.48
N LEU A 418 -9.86 -10.41 -2.09
CA LEU A 418 -9.51 -9.23 -2.87
C LEU A 418 -8.01 -9.22 -3.15
N HIS A 419 -7.66 -8.80 -4.35
CA HIS A 419 -6.28 -8.58 -4.69
C HIS A 419 -6.12 -7.14 -5.16
N ILE A 420 -5.13 -6.46 -4.61
CA ILE A 420 -4.87 -5.08 -4.97
C ILE A 420 -3.50 -4.94 -5.62
N ASP A 421 -3.46 -4.60 -6.92
CA ASP A 421 -2.24 -4.12 -7.57
C ASP A 421 -2.06 -2.66 -7.19
N CYS A 422 -1.12 -2.39 -6.28
CA CYS A 422 -0.90 -1.04 -5.78
C CYS A 422 -0.16 -0.11 -6.75
N SER A 423 -0.81 0.30 -7.84
CA SER A 423 -0.15 1.09 -8.86
C SER A 423 -0.18 2.61 -8.60
N ALA A 424 -0.80 3.05 -7.52
CA ALA A 424 -0.79 4.47 -7.15
C ALA A 424 0.24 4.78 -6.06
N THR A 425 1.08 3.79 -5.74
CA THR A 425 1.91 3.82 -4.54
C THR A 425 3.17 4.67 -4.66
N TYR A 426 3.75 4.76 -5.86
CA TYR A 426 5.06 5.38 -6.06
C TYR A 426 5.07 6.27 -7.29
N ARG A 427 5.77 7.40 -7.19
CA ARG A 427 5.92 8.34 -8.29
C ARG A 427 7.41 8.51 -8.61
N LYS A 428 7.82 8.02 -9.79
CA LYS A 428 9.22 8.10 -10.21
C LYS A 428 9.68 9.55 -10.14
N SER A 429 8.89 10.44 -10.75
CA SER A 429 9.18 11.87 -10.75
C SER A 429 8.02 12.62 -10.16
N ALA A 430 8.27 13.88 -9.79
CA ALA A 430 7.24 14.74 -9.21
C ALA A 430 6.16 15.04 -10.22
N VAL A 431 4.92 15.15 -9.75
CA VAL A 431 3.77 15.45 -10.61
C VAL A 431 2.91 16.57 -10.01
N ASP A 432 1.74 16.81 -10.61
CA ASP A 432 0.84 17.87 -10.18
C ASP A 432 0.57 17.92 -8.69
N GLN A 433 0.15 16.78 -8.16
CA GLN A 433 -0.34 16.69 -6.79
C GLN A 433 0.63 16.01 -5.83
N TRP A 434 1.72 15.44 -6.36
CA TRP A 434 2.64 14.64 -5.54
C TRP A 434 4.09 14.99 -5.82
N SER A 435 4.91 14.87 -4.78
CA SER A 435 6.36 14.92 -4.95
C SER A 435 6.82 13.58 -5.48
N ALA A 436 8.12 13.44 -5.73
CA ALA A 436 8.70 12.14 -6.06
C ALA A 436 8.51 11.18 -4.90
N GLY A 437 8.50 9.89 -5.23
CA GLY A 437 8.49 8.84 -4.22
C GLY A 437 7.12 8.34 -3.81
N ALA A 438 7.09 7.71 -2.64
CA ALA A 438 5.90 7.04 -2.13
C ALA A 438 4.79 8.03 -1.83
N THR A 439 3.57 7.70 -2.24
CA THR A 439 2.42 8.59 -2.09
C THR A 439 1.65 8.35 -0.78
N GLY A 440 1.64 7.11 -0.31
CA GLY A 440 0.92 6.74 0.90
C GLY A 440 -0.52 6.34 0.63
N LEU A 441 -0.95 6.48 -0.61
CA LEU A 441 -2.32 6.10 -0.98
C LEU A 441 -2.64 4.63 -0.71
N GLY A 442 -3.91 4.36 -0.42
CA GLY A 442 -4.39 3.01 -0.13
C GLY A 442 -4.53 2.69 1.35
N VAL A 443 -3.78 3.39 2.20
CA VAL A 443 -3.82 3.13 3.64
C VAL A 443 -5.19 3.47 4.20
N ARG A 444 -5.67 4.66 3.88
CA ARG A 444 -6.99 5.08 4.36
C ARG A 444 -8.09 4.11 3.89
N THR A 445 -8.02 3.74 2.61
CA THR A 445 -9.08 2.96 1.97
C THR A 445 -9.24 1.56 2.58
N VAL A 446 -8.13 0.88 2.84
CA VAL A 446 -8.21 -0.50 3.34
C VAL A 446 -8.69 -0.47 4.80
N ALA A 447 -8.13 0.47 5.56
CA ALA A 447 -8.52 0.65 6.96
C ALA A 447 -10.03 0.93 7.10
N ASN A 448 -10.56 1.72 6.19
CA ASN A 448 -11.99 2.02 6.16
C ASN A 448 -12.81 0.76 5.88
N LEU A 449 -12.29 -0.12 5.02
CA LEU A 449 -12.97 -1.37 4.71
C LEU A 449 -13.03 -2.32 5.92
N LEU A 450 -11.92 -2.41 6.66
CA LEU A 450 -11.86 -3.27 7.84
C LEU A 450 -12.81 -2.76 8.92
N LEU A 451 -12.81 -1.44 9.11
CA LEU A 451 -13.73 -0.81 10.04
C LEU A 451 -15.16 -1.10 9.66
N ALA A 452 -15.44 -1.02 8.36
CA ALA A 452 -16.78 -1.34 7.85
C ALA A 452 -17.18 -2.77 8.17
N GLN A 453 -16.26 -3.73 7.99
CA GLN A 453 -16.51 -5.11 8.37
C GLN A 453 -16.95 -5.21 9.82
N ALA A 454 -16.21 -4.53 10.70
CA ALA A 454 -16.51 -4.55 12.12
C ALA A 454 -17.71 -3.69 12.53
N LYS A 455 -18.45 -3.15 11.55
CA LYS A 455 -19.60 -2.27 11.79
C LYS A 455 -19.22 -1.03 12.60
N GLN A 456 -18.26 -0.28 12.06
CA GLN A 456 -17.69 0.90 12.72
C GLN A 456 -17.41 2.00 11.70
#